data_7PUE
#
_entry.id   7PUE
#
_cell.length_a   92.445
_cell.length_b   92.445
_cell.length_c   172.033
_cell.angle_alpha   90
_cell.angle_beta   90
_cell.angle_gamma   120
#
_symmetry.space_group_name_H-M   'P 65 2 2'
#
loop_
_entity.id
_entity.type
_entity.pdbx_description
1 polymer 'Serine/threonine-protein kinase Sgk1'
2 non-polymer GLYCEROL
3 non-polymer 6-[4-[[2,3-bis(chloranyl)phenyl]sulfonylamino]phenyl]-~{N}-[(3~{R})-pyrrolidin-3-yl]-2~{H}-pyrazolo[3,4-b]pyridine-4-carboxamide
4 water water
#
_entity_poly.entity_id   1
_entity_poly.type   'polypeptide(L)'
_entity_poly.pdbx_seq_one_letter_code
;GAMISQPQEPELMNANPSPPPSPSQQINLGPSSNPHAKPSDFHFLKVIGKGSFGKVLLARHKAEEVFYAVKVLQKKAILK
KKEEKHIMSERNVLLKNVKHPFLVGLHFSFQTADKLYFVLDYINGGELFYHLQREACFLEPRARFYAAEIASALGYLHSL
NIVYRDLKPENILLDSQGHIVLTDFGLCKENIEHNSTTSTFCGTPEYLAPEVLHKQPYDRTVDWWCLGAVLYEMLYGLPP
FYSRNTAEMYDNILNKPLQLKPNITNSARHLLEGLLQKDRTKRLGAKDDFMEIKSHVFFSLINWDDLINKKITPPFNPNV
SGPNDLRHFDPEFTEEPVPNSIGKSPDSVLVTASVKEAAEAFLGFDYAPPTDSFL
;
_entity_poly.pdbx_strand_id   A
#
loop_
_chem_comp.id
_chem_comp.type
_chem_comp.name
_chem_comp.formula
86H non-polymer 6-[4-[[2,3-bis(chloranyl)phenyl]sulfonylamino]phenyl]-~{N}-[(3~{R})-pyrrolidin-3-yl]-2~{H}-pyrazolo[3,4-b]pyridine-4-carboxamide 'C23 H20 Cl2 N6 O3 S'
GOL non-polymer GLYCEROL 'C3 H8 O3'
#
# COMPACT_ATOMS: atom_id res chain seq x y z
N GLN A 26 7.17 -8.42 -28.13
CA GLN A 26 6.21 -9.51 -27.92
C GLN A 26 6.61 -10.39 -26.73
N ILE A 27 6.50 -9.84 -25.52
CA ILE A 27 6.81 -10.59 -24.29
C ILE A 27 5.68 -11.59 -24.01
N ASN A 28 6.00 -12.84 -23.64
CA ASN A 28 4.96 -13.86 -23.41
C ASN A 28 3.93 -13.50 -22.32
N LEU A 29 4.25 -12.55 -21.42
CA LEU A 29 3.36 -12.05 -20.37
C LEU A 29 2.84 -13.10 -19.36
N GLY A 30 3.42 -14.30 -19.35
CA GLY A 30 2.99 -15.34 -18.44
C GLY A 30 1.69 -15.99 -18.83
N PRO A 31 1.05 -16.70 -17.88
CA PRO A 31 -0.21 -17.39 -18.21
C PRO A 31 -1.48 -16.55 -18.07
N SER A 32 -1.38 -15.35 -17.51
CA SER A 32 -2.53 -14.43 -17.39
C SER A 32 -2.99 -13.87 -18.75
N SER A 33 -2.27 -14.18 -19.84
CA SER A 33 -2.50 -13.70 -21.20
C SER A 33 -3.79 -14.13 -21.85
N ASN A 34 -4.50 -13.16 -22.40
CA ASN A 34 -5.73 -13.38 -23.14
C ASN A 34 -5.38 -13.07 -24.58
N PRO A 35 -5.08 -14.10 -25.38
CA PRO A 35 -4.71 -13.84 -26.78
C PRO A 35 -5.83 -13.29 -27.67
N HIS A 36 -7.05 -13.15 -27.12
CA HIS A 36 -8.18 -12.61 -27.85
C HIS A 36 -8.44 -11.14 -27.47
N ALA A 37 -8.07 -10.73 -26.27
CA ALA A 37 -8.29 -9.37 -25.81
C ALA A 37 -7.51 -8.33 -26.60
N LYS A 38 -8.18 -7.21 -26.88
CA LYS A 38 -7.67 -6.04 -27.57
C LYS A 38 -8.31 -4.81 -26.87
N PRO A 39 -7.64 -3.63 -26.84
CA PRO A 39 -8.24 -2.48 -26.14
C PRO A 39 -9.64 -2.07 -26.61
N SER A 40 -10.03 -2.54 -27.81
CA SER A 40 -11.35 -2.32 -28.41
C SER A 40 -12.49 -2.92 -27.55
N ASP A 41 -12.19 -3.94 -26.71
CA ASP A 41 -13.14 -4.61 -25.81
C ASP A 41 -13.56 -3.76 -24.59
N PHE A 42 -13.07 -2.52 -24.48
CA PHE A 42 -13.36 -1.67 -23.33
C PHE A 42 -13.81 -0.26 -23.71
N HIS A 43 -14.42 0.43 -22.74
CA HIS A 43 -14.79 1.83 -22.88
C HIS A 43 -13.97 2.51 -21.78
N PHE A 44 -12.93 3.27 -22.15
CA PHE A 44 -12.04 3.93 -21.19
C PHE A 44 -12.57 5.29 -20.73
N LEU A 45 -13.20 5.31 -19.56
CA LEU A 45 -13.77 6.51 -18.95
C LEU A 45 -12.72 7.57 -18.52
N LYS A 46 -11.99 7.32 -17.41
CA LYS A 46 -11.05 8.28 -16.83
C LYS A 46 -9.67 7.72 -16.57
N VAL A 47 -8.60 8.52 -16.74
CA VAL A 47 -7.26 8.11 -16.36
C VAL A 47 -7.15 8.35 -14.83
N ILE A 48 -7.22 7.27 -14.02
CA ILE A 48 -7.26 7.34 -12.57
C ILE A 48 -5.89 7.34 -11.87
N GLY A 49 -4.83 7.03 -12.60
CA GLY A 49 -3.46 7.01 -12.11
C GLY A 49 -2.48 7.30 -13.22
N LYS A 50 -1.32 7.94 -12.92
CA LYS A 50 -0.37 8.27 -13.99
C LYS A 50 1.10 8.27 -13.57
N GLY A 51 1.97 7.97 -14.52
CA GLY A 51 3.41 7.95 -14.33
C GLY A 51 4.17 8.34 -15.60
N GLY A 54 3.23 5.23 -18.74
CA GLY A 54 2.77 4.23 -17.78
C GLY A 54 1.66 4.72 -16.87
N LYS A 55 0.39 4.54 -17.27
CA LYS A 55 -0.77 5.01 -16.51
C LYS A 55 -1.85 3.94 -16.27
N VAL A 56 -2.79 4.24 -15.36
CA VAL A 56 -3.91 3.37 -14.97
C VAL A 56 -5.20 4.05 -15.42
N LEU A 57 -6.15 3.28 -15.97
CA LEU A 57 -7.41 3.84 -16.47
C LEU A 57 -8.62 3.12 -15.90
N LEU A 58 -9.79 3.77 -15.91
CA LEU A 58 -11.03 3.13 -15.50
C LEU A 58 -11.71 2.73 -16.81
N ALA A 59 -12.08 1.45 -16.94
CA ALA A 59 -12.73 0.98 -18.15
C ALA A 59 -13.83 -0.03 -17.85
N ARG A 60 -14.90 -0.01 -18.67
CA ARG A 60 -16.00 -0.96 -18.48
C ARG A 60 -16.00 -2.01 -19.59
N HIS A 61 -16.08 -3.29 -19.21
CA HIS A 61 -16.06 -4.37 -20.18
C HIS A 61 -17.34 -4.42 -21.01
N LYS A 62 -17.21 -4.75 -22.30
CA LYS A 62 -18.33 -4.82 -23.20
C LYS A 62 -18.94 -6.23 -23.21
N ALA A 63 -19.08 -6.81 -22.02
CA ALA A 63 -19.63 -8.13 -21.70
C ALA A 63 -19.74 -8.13 -20.17
N GLU A 64 -20.95 -8.42 -19.63
CA GLU A 64 -21.21 -8.35 -18.18
C GLU A 64 -21.08 -6.92 -17.61
N GLU A 65 -20.98 -5.88 -18.52
CA GLU A 65 -20.83 -4.44 -18.27
C GLU A 65 -20.22 -4.12 -16.92
N VAL A 66 -19.12 -4.80 -16.61
CA VAL A 66 -18.41 -4.73 -15.33
C VAL A 66 -17.27 -3.70 -15.36
N PHE A 67 -17.08 -2.98 -14.26
CA PHE A 67 -16.03 -1.97 -14.17
C PHE A 67 -14.70 -2.57 -13.72
N TYR A 68 -13.67 -2.28 -14.51
CA TYR A 68 -12.30 -2.74 -14.33
C TYR A 68 -11.32 -1.55 -14.31
N ALA A 69 -10.11 -1.77 -13.79
CA ALA A 69 -9.07 -0.76 -13.79
C ALA A 69 -7.95 -1.34 -14.64
N VAL A 70 -7.63 -0.74 -15.80
CA VAL A 70 -6.62 -1.30 -16.70
C VAL A 70 -5.31 -0.49 -16.66
N LYS A 71 -4.22 -1.16 -16.25
CA LYS A 71 -2.91 -0.54 -16.17
C LYS A 71 -2.17 -0.68 -17.49
N VAL A 72 -2.09 0.40 -18.28
CA VAL A 72 -1.38 0.45 -19.56
C VAL A 72 0.04 0.97 -19.30
N LEU A 73 1.08 0.25 -19.76
CA LEU A 73 2.45 0.66 -19.46
C LEU A 73 3.20 1.32 -20.63
N GLN A 74 3.44 0.55 -21.72
CA GLN A 74 4.20 0.92 -22.92
C GLN A 74 5.53 0.17 -22.95
N LYS A 75 5.65 -0.78 -23.91
CA LYS A 75 6.77 -1.71 -24.14
C LYS A 75 8.14 -1.20 -23.71
N LYS A 76 8.59 -0.02 -24.20
CA LYS A 76 9.89 0.56 -23.86
C LYS A 76 10.01 0.99 -22.38
N ALA A 77 10.36 0.02 -21.51
CA ALA A 77 10.55 0.19 -20.07
C ALA A 77 11.40 -0.96 -19.49
N ILE A 78 12.39 -1.45 -20.28
CA ILE A 78 13.30 -2.54 -19.91
C ILE A 78 14.43 -2.04 -19.02
N VAL A 93 9.82 -13.41 -15.06
CA VAL A 93 9.23 -13.15 -13.75
C VAL A 93 7.71 -13.37 -13.75
N LEU A 94 7.26 -14.54 -14.30
CA LEU A 94 5.87 -14.99 -14.44
C LEU A 94 4.93 -14.47 -13.32
N LEU A 95 5.11 -14.96 -12.06
CA LEU A 95 4.38 -14.59 -10.83
C LEU A 95 2.83 -14.57 -11.06
N LYS A 96 2.11 -13.46 -10.69
CA LYS A 96 0.67 -13.22 -10.85
C LYS A 96 -0.23 -14.29 -10.19
N ASN A 97 0.39 -15.19 -9.41
CA ASN A 97 -0.26 -16.10 -8.50
C ASN A 97 -0.26 -15.39 -7.10
N VAL A 98 -0.19 -14.01 -7.07
CA VAL A 98 -0.18 -13.14 -5.92
C VAL A 98 -1.63 -12.86 -5.60
N LYS A 99 -2.26 -13.78 -4.86
CA LYS A 99 -3.66 -13.67 -4.50
C LYS A 99 -3.81 -13.46 -3.01
N HIS A 100 -4.32 -12.31 -2.63
CA HIS A 100 -4.54 -11.98 -1.23
C HIS A 100 -5.81 -11.15 -1.09
N PRO A 101 -6.59 -11.31 0.00
CA PRO A 101 -7.80 -10.48 0.14
C PRO A 101 -7.55 -8.98 0.19
N PHE A 102 -6.33 -8.56 0.58
CA PHE A 102 -6.03 -7.14 0.71
C PHE A 102 -5.05 -6.62 -0.34
N LEU A 103 -4.96 -7.28 -1.50
CA LEU A 103 -4.11 -6.82 -2.61
C LEU A 103 -4.94 -6.82 -3.90
N VAL A 104 -4.63 -5.96 -4.90
CA VAL A 104 -5.40 -5.98 -6.16
C VAL A 104 -5.29 -7.30 -6.91
N GLY A 105 -6.40 -7.70 -7.50
CA GLY A 105 -6.45 -8.91 -8.29
C GLY A 105 -6.35 -8.63 -9.78
N LEU A 106 -5.59 -9.47 -10.49
CA LEU A 106 -5.47 -9.36 -11.93
C LEU A 106 -6.43 -10.38 -12.53
N HIS A 107 -7.31 -9.96 -13.43
CA HIS A 107 -8.27 -10.86 -14.07
C HIS A 107 -7.57 -11.51 -15.25
N PHE A 108 -6.99 -10.68 -16.11
CA PHE A 108 -6.24 -11.13 -17.28
C PHE A 108 -5.33 -9.99 -17.80
N SER A 109 -4.43 -10.31 -18.74
CA SER A 109 -3.51 -9.33 -19.29
C SER A 109 -3.39 -9.53 -20.79
N PHE A 110 -3.07 -8.47 -21.51
CA PHE A 110 -2.92 -8.54 -22.97
C PHE A 110 -1.96 -7.46 -23.49
N GLN A 111 -1.65 -7.47 -24.79
CA GLN A 111 -0.72 -6.51 -25.36
C GLN A 111 -1.04 -6.16 -26.84
N THR A 112 -0.71 -4.94 -27.24
CA THR A 112 -0.96 -4.46 -28.59
C THR A 112 0.19 -4.81 -29.53
N ALA A 113 1.40 -4.31 -29.18
CA ALA A 113 2.73 -4.31 -29.87
C ALA A 113 3.41 -2.94 -29.65
N ASP A 114 3.12 -2.28 -28.50
CA ASP A 114 3.62 -0.97 -28.10
C ASP A 114 3.09 -0.61 -26.71
N LYS A 115 1.86 -1.04 -26.35
CA LYS A 115 1.27 -0.77 -25.03
C LYS A 115 0.99 -2.12 -24.30
N LEU A 116 1.20 -2.16 -22.98
CA LEU A 116 0.99 -3.39 -22.21
C LEU A 116 -0.21 -3.20 -21.29
N TYR A 117 -1.26 -4.04 -21.41
CA TYR A 117 -2.45 -3.86 -20.59
C TYR A 117 -2.68 -4.94 -19.52
N PHE A 118 -2.97 -4.51 -18.27
CA PHE A 118 -3.24 -5.41 -17.15
C PHE A 118 -4.63 -5.12 -16.62
N VAL A 119 -5.60 -6.01 -16.89
CA VAL A 119 -6.96 -5.81 -16.44
C VAL A 119 -7.14 -6.19 -14.95
N LEU A 120 -7.19 -5.19 -14.08
CA LEU A 120 -7.28 -5.36 -12.63
C LEU A 120 -8.67 -5.04 -12.07
N ASP A 121 -8.89 -5.38 -10.80
CA ASP A 121 -10.15 -5.10 -10.11
C ASP A 121 -10.28 -3.59 -9.93
N TYR A 122 -11.50 -3.03 -10.17
CA TYR A 122 -11.69 -1.60 -9.92
C TYR A 122 -12.16 -1.46 -8.48
N ILE A 123 -11.41 -0.71 -7.66
CA ILE A 123 -11.77 -0.54 -6.27
C ILE A 123 -12.57 0.77 -6.10
N ASN A 124 -13.80 0.60 -5.58
CA ASN A 124 -14.86 1.59 -5.40
C ASN A 124 -14.72 2.66 -4.28
N GLY A 125 -14.36 2.23 -3.06
CA GLY A 125 -14.31 3.07 -1.86
C GLY A 125 -13.34 4.22 -1.76
N GLY A 126 -12.47 4.36 -2.76
CA GLY A 126 -11.51 5.46 -2.76
C GLY A 126 -10.32 5.31 -1.83
N GLU A 127 -9.40 6.28 -1.87
CA GLU A 127 -8.21 6.22 -1.04
C GLU A 127 -8.56 6.27 0.43
N LEU A 128 -7.77 5.60 1.24
CA LEU A 128 -7.99 5.55 2.68
C LEU A 128 -7.76 6.96 3.28
N PHE A 129 -6.71 7.66 2.81
CA PHE A 129 -6.38 8.96 3.38
C PHE A 129 -7.27 10.10 2.87
N TYR A 130 -8.22 9.81 1.98
CA TYR A 130 -9.28 10.73 1.65
C TYR A 130 -10.22 10.75 2.89
N HIS A 131 -10.48 9.59 3.50
CA HIS A 131 -11.27 9.44 4.71
C HIS A 131 -10.54 10.02 5.94
N LEU A 132 -9.21 9.94 5.95
CA LEU A 132 -8.41 10.53 7.03
C LEU A 132 -8.48 12.04 6.98
N GLN A 133 -8.50 12.63 5.78
CA GLN A 133 -8.61 14.07 5.61
C GLN A 133 -9.94 14.56 6.20
N ARG A 134 -11.06 13.86 5.96
CA ARG A 134 -12.35 14.30 6.50
C ARG A 134 -12.39 14.34 8.03
N GLU A 135 -11.68 13.40 8.67
CA GLU A 135 -11.70 13.22 10.11
C GLU A 135 -10.48 13.70 10.90
N ALA A 136 -9.42 14.13 10.20
CA ALA A 136 -8.10 14.56 10.70
C ALA A 136 -7.27 13.35 11.23
N CYS A 137 -7.88 12.50 12.07
CA CYS A 137 -7.23 11.29 12.55
C CYS A 137 -8.26 10.19 12.93
N PHE A 138 -7.80 8.92 12.95
CA PHE A 138 -8.66 7.78 13.27
C PHE A 138 -8.46 7.36 14.73
N LEU A 139 -9.47 6.70 15.32
CA LEU A 139 -9.31 6.12 16.66
C LEU A 139 -8.48 4.83 16.56
N GLU A 140 -7.89 4.41 17.67
CA GLU A 140 -7.04 3.22 17.67
C GLU A 140 -7.74 1.95 17.15
N PRO A 141 -9.01 1.64 17.48
CA PRO A 141 -9.63 0.45 16.90
C PRO A 141 -9.65 0.46 15.37
N ARG A 142 -9.95 1.63 14.77
CA ARG A 142 -10.03 1.86 13.31
C ARG A 142 -8.66 1.73 12.66
N ALA A 143 -7.65 2.39 13.24
CA ALA A 143 -6.28 2.32 12.76
C ALA A 143 -5.72 0.89 12.90
N ARG A 144 -6.10 0.17 13.96
CA ARG A 144 -5.65 -1.20 14.19
C ARG A 144 -6.14 -2.10 13.08
N PHE A 145 -7.40 -1.93 12.66
CA PHE A 145 -8.00 -2.71 11.59
C PHE A 145 -7.26 -2.52 10.26
N TYR A 146 -6.95 -1.26 9.90
CA TYR A 146 -6.24 -0.95 8.67
C TYR A 146 -4.80 -1.41 8.72
N ALA A 147 -4.09 -1.18 9.86
CA ALA A 147 -2.72 -1.64 9.97
C ALA A 147 -2.69 -3.17 10.02
N ALA A 148 -3.74 -3.83 10.57
CA ALA A 148 -3.77 -5.29 10.58
C ALA A 148 -3.93 -5.82 9.16
N GLU A 149 -4.84 -5.25 8.36
CA GLU A 149 -5.02 -5.68 6.97
C GLU A 149 -3.77 -5.40 6.11
N ILE A 150 -3.06 -4.28 6.36
CA ILE A 150 -1.83 -3.99 5.63
C ILE A 150 -0.71 -4.95 6.08
N ALA A 151 -0.60 -5.23 7.40
CA ALA A 151 0.45 -6.11 7.90
C ALA A 151 0.34 -7.53 7.35
N SER A 152 -0.90 -8.07 7.24
CA SER A 152 -1.06 -9.40 6.70
C SER A 152 -0.75 -9.43 5.20
N ALA A 153 -1.09 -8.37 4.46
CA ALA A 153 -0.74 -8.31 3.02
C ALA A 153 0.77 -8.17 2.84
N LEU A 154 1.44 -7.46 3.74
CA LEU A 154 2.87 -7.29 3.69
C LEU A 154 3.52 -8.60 4.00
N GLY A 155 3.08 -9.29 5.05
CA GLY A 155 3.62 -10.59 5.42
C GLY A 155 3.49 -11.62 4.32
N TYR A 156 2.38 -11.57 3.56
CA TYR A 156 2.13 -12.47 2.44
C TYR A 156 3.11 -12.20 1.29
N LEU A 157 3.33 -10.90 0.99
CA LEU A 157 4.25 -10.44 -0.04
C LEU A 157 5.66 -10.87 0.34
N HIS A 158 6.05 -10.70 1.61
CA HIS A 158 7.37 -11.10 2.06
C HIS A 158 7.58 -12.61 1.98
N SER A 159 6.50 -13.41 2.09
CA SER A 159 6.63 -14.86 1.93
C SER A 159 6.85 -15.23 0.47
N LEU A 160 6.36 -14.40 -0.47
CA LEU A 160 6.58 -14.56 -1.91
C LEU A 160 7.94 -13.91 -2.34
N ASN A 161 8.76 -13.44 -1.37
CA ASN A 161 10.04 -12.77 -1.52
C ASN A 161 9.94 -11.42 -2.22
N ILE A 162 8.77 -10.76 -2.10
CA ILE A 162 8.47 -9.47 -2.70
C ILE A 162 8.61 -8.34 -1.68
N VAL A 163 9.11 -7.17 -2.11
CA VAL A 163 9.21 -5.99 -1.24
C VAL A 163 8.39 -4.89 -1.87
N TYR A 164 7.43 -4.35 -1.13
CA TYR A 164 6.54 -3.29 -1.61
C TYR A 164 7.40 -2.04 -1.87
N ARG A 165 8.23 -1.65 -0.87
CA ARG A 165 9.15 -0.52 -0.86
C ARG A 165 8.44 0.85 -0.87
N ASP A 166 7.44 1.02 -1.75
CA ASP A 166 6.67 2.23 -1.94
C ASP A 166 5.25 2.19 -1.34
N LEU A 167 5.07 1.66 -0.13
CA LEU A 167 3.76 1.66 0.54
C LEU A 167 3.44 3.12 0.94
N LYS A 168 2.63 3.83 0.13
CA LYS A 168 2.21 5.21 0.40
C LYS A 168 0.68 5.20 0.65
N PRO A 169 0.10 6.22 1.33
CA PRO A 169 -1.36 6.30 1.43
C PRO A 169 -2.01 6.45 0.05
N GLU A 170 -1.29 7.05 -0.93
CA GLU A 170 -1.75 7.20 -2.31
C GLU A 170 -2.13 5.82 -2.91
N ASN A 171 -1.43 4.75 -2.50
CA ASN A 171 -1.60 3.37 -2.96
C ASN A 171 -2.52 2.51 -2.10
N ILE A 172 -3.00 3.01 -0.97
CA ILE A 172 -3.85 2.24 -0.07
C ILE A 172 -5.30 2.60 -0.32
N LEU A 173 -6.09 1.71 -0.93
CA LEU A 173 -7.49 2.04 -1.23
C LEU A 173 -8.48 1.27 -0.34
N LEU A 174 -9.76 1.59 -0.43
CA LEU A 174 -10.79 0.91 0.34
C LEU A 174 -11.81 0.32 -0.62
N ASP A 175 -12.14 -0.98 -0.48
CA ASP A 175 -13.13 -1.58 -1.37
C ASP A 175 -14.56 -1.09 -1.01
N SER A 176 -15.59 -1.47 -1.80
CA SER A 176 -16.96 -1.02 -1.52
C SER A 176 -17.45 -1.41 -0.13
N GLN A 177 -16.93 -2.53 0.43
CA GLN A 177 -17.36 -2.99 1.75
C GLN A 177 -16.61 -2.30 2.91
N GLY A 178 -15.42 -1.77 2.65
CA GLY A 178 -14.64 -1.08 3.66
C GLY A 178 -13.30 -1.73 4.01
N HIS A 179 -12.91 -2.76 3.26
CA HIS A 179 -11.64 -3.45 3.47
C HIS A 179 -10.46 -2.81 2.69
N ILE A 180 -9.24 -2.91 3.23
CA ILE A 180 -7.99 -2.41 2.65
C ILE A 180 -7.67 -3.22 1.38
N VAL A 181 -7.29 -2.55 0.29
CA VAL A 181 -6.80 -3.23 -0.90
C VAL A 181 -5.62 -2.39 -1.41
N LEU A 182 -4.42 -2.99 -1.39
CA LEU A 182 -3.19 -2.33 -1.77
C LEU A 182 -2.93 -2.46 -3.25
N THR A 183 -2.40 -1.39 -3.83
CA THR A 183 -2.04 -1.29 -5.24
C THR A 183 -0.59 -0.79 -5.36
N ASP A 184 0.02 -1.00 -6.51
CA ASP A 184 1.37 -0.51 -6.79
C ASP A 184 2.46 -1.17 -5.95
N PHE A 185 2.41 -2.49 -5.80
CA PHE A 185 3.44 -3.20 -5.05
C PHE A 185 4.51 -3.78 -5.94
N GLY A 186 4.87 -3.01 -6.96
CA GLY A 186 5.95 -3.27 -7.89
C GLY A 186 5.92 -4.53 -8.70
N LEU A 187 4.72 -5.08 -8.98
CA LEU A 187 4.65 -6.28 -9.83
C LEU A 187 5.11 -5.91 -11.28
N CYS A 188 4.80 -4.70 -11.73
CA CYS A 188 5.25 -4.18 -13.02
C CYS A 188 5.43 -2.66 -12.95
N LYS A 189 6.69 -2.20 -12.74
CA LYS A 189 7.11 -0.79 -12.64
C LYS A 189 6.28 0.02 -11.65
N THR A 198 14.59 20.45 -7.24
CA THR A 198 13.72 20.10 -6.11
C THR A 198 12.93 21.39 -5.62
N SER A 199 12.20 21.25 -4.48
CA SER A 199 11.38 22.27 -3.84
C SER A 199 11.97 22.63 -2.48
N THR A 200 11.73 23.85 -2.02
CA THR A 200 12.19 24.30 -0.72
C THR A 200 11.09 23.98 0.31
N PHE A 201 9.84 24.28 -0.03
CA PHE A 201 8.70 23.98 0.83
C PHE A 201 7.80 22.93 0.22
N CYS A 202 6.98 22.37 1.09
CA CYS A 202 6.02 21.32 0.89
C CYS A 202 6.73 20.06 0.43
N GLY A 203 6.75 19.74 -0.86
CA GLY A 203 7.40 18.51 -1.29
C GLY A 203 6.55 17.34 -0.86
N THR A 204 6.34 16.38 -1.76
CA THR A 204 5.50 15.22 -1.52
C THR A 204 5.93 14.44 -0.30
N PRO A 205 4.98 14.14 0.60
CA PRO A 205 5.35 13.41 1.83
C PRO A 205 6.22 12.16 1.60
N GLU A 206 7.15 11.95 2.52
CA GLU A 206 8.09 10.84 2.40
C GLU A 206 7.80 9.71 3.37
N TYR A 207 7.60 8.49 2.85
CA TYR A 207 7.40 7.30 3.69
C TYR A 207 8.53 6.29 3.56
N LEU A 208 9.48 6.52 2.65
CA LEU A 208 10.61 5.62 2.42
C LEU A 208 11.48 5.55 3.68
N ALA A 209 11.92 4.33 4.03
CA ALA A 209 12.77 4.12 5.21
C ALA A 209 14.09 4.87 5.08
N PRO A 210 14.74 5.29 6.19
CA PRO A 210 16.01 6.02 6.05
C PRO A 210 17.06 5.36 5.14
N GLU A 211 17.20 4.02 5.16
CA GLU A 211 18.17 3.34 4.31
C GLU A 211 17.86 3.49 2.82
N VAL A 212 16.60 3.62 2.46
CA VAL A 212 16.22 3.81 1.08
C VAL A 212 16.60 5.25 0.65
N LEU A 213 16.38 6.23 1.55
CA LEU A 213 16.70 7.62 1.33
C LEU A 213 18.18 7.85 1.12
N HIS A 214 19.08 7.20 1.91
CA HIS A 214 20.51 7.38 1.62
C HIS A 214 21.08 6.21 0.84
N LYS A 215 20.30 5.72 -0.14
CA LYS A 215 20.68 4.70 -1.12
C LYS A 215 21.60 3.61 -0.54
N GLN A 216 21.04 2.81 0.38
CA GLN A 216 21.74 1.75 1.10
C GLN A 216 21.01 0.41 0.89
N PRO A 217 21.67 -0.73 1.19
CA PRO A 217 20.96 -2.02 1.09
C PRO A 217 19.74 -2.06 2.02
N TYR A 218 18.59 -2.29 1.39
CA TYR A 218 17.33 -2.39 2.09
C TYR A 218 16.71 -3.78 1.85
N ASP A 219 15.77 -4.18 2.70
CA ASP A 219 15.14 -5.49 2.59
C ASP A 219 13.62 -5.39 2.89
N ARG A 220 12.99 -6.47 3.38
CA ARG A 220 11.57 -6.47 3.72
C ARG A 220 11.26 -5.53 4.89
N THR A 221 12.27 -5.21 5.71
CA THR A 221 12.15 -4.33 6.86
C THR A 221 11.71 -2.91 6.47
N VAL A 222 11.89 -2.50 5.19
CA VAL A 222 11.42 -1.18 4.74
C VAL A 222 9.91 -1.07 4.81
N ASP A 223 9.21 -2.18 4.52
CA ASP A 223 7.76 -2.27 4.59
C ASP A 223 7.24 -2.12 6.00
N TRP A 224 7.99 -2.60 6.98
CA TRP A 224 7.59 -2.45 8.35
C TRP A 224 7.78 -0.97 8.77
N TRP A 225 8.81 -0.25 8.24
CA TRP A 225 8.97 1.19 8.46
C TRP A 225 7.75 1.90 7.85
N CYS A 226 7.43 1.63 6.56
CA CYS A 226 6.28 2.22 5.87
C CYS A 226 4.97 1.99 6.64
N LEU A 227 4.76 0.79 7.24
CA LEU A 227 3.57 0.47 8.05
C LEU A 227 3.53 1.41 9.25
N GLY A 228 4.67 1.61 9.91
CA GLY A 228 4.76 2.52 11.03
C GLY A 228 4.44 3.95 10.63
N ALA A 229 4.89 4.36 9.43
CA ALA A 229 4.64 5.72 8.94
C ALA A 229 3.16 5.92 8.56
N VAL A 230 2.54 4.93 7.94
CA VAL A 230 1.13 4.96 7.57
C VAL A 230 0.30 4.97 8.87
N LEU A 231 0.67 4.11 9.85
CA LEU A 231 -0.01 4.07 11.15
C LEU A 231 0.16 5.38 11.93
N TYR A 232 1.37 5.95 11.95
CA TYR A 232 1.64 7.23 12.63
C TYR A 232 0.72 8.31 12.08
N GLU A 233 0.55 8.36 10.77
CA GLU A 233 -0.32 9.34 10.16
C GLU A 233 -1.79 9.13 10.50
N MET A 234 -2.30 7.86 10.52
CA MET A 234 -3.71 7.60 10.93
C MET A 234 -3.97 8.10 12.35
N LEU A 235 -2.99 7.95 13.24
CA LEU A 235 -3.13 8.39 14.62
C LEU A 235 -2.92 9.89 14.85
N TYR A 236 -1.91 10.49 14.24
CA TYR A 236 -1.59 11.89 14.49
C TYR A 236 -2.06 12.91 13.44
N GLY A 237 -2.43 12.46 12.25
CA GLY A 237 -2.92 13.37 11.22
C GLY A 237 -1.88 13.84 10.23
N LEU A 238 -0.58 13.65 10.54
CA LEU A 238 0.48 14.03 9.61
C LEU A 238 1.52 12.91 9.46
N PRO A 239 2.26 12.85 8.33
CA PRO A 239 3.31 11.82 8.21
C PRO A 239 4.38 12.03 9.26
N PRO A 240 5.05 10.97 9.76
CA PRO A 240 6.10 11.19 10.77
C PRO A 240 7.23 12.10 10.26
N PHE A 241 7.89 12.81 11.19
CA PHE A 241 9.00 13.70 10.83
C PHE A 241 8.60 14.87 9.92
N TYR A 242 7.32 15.05 9.65
CA TYR A 242 6.84 16.07 8.73
C TYR A 242 7.19 17.50 9.07
N SER A 243 7.67 18.24 8.07
CA SER A 243 7.85 19.67 8.17
C SER A 243 7.48 20.31 6.84
N ARG A 244 7.01 21.56 6.87
CA ARG A 244 6.75 22.28 5.63
C ARG A 244 8.10 22.52 4.88
N ASN A 245 9.23 22.61 5.60
CA ASN A 245 10.57 22.78 5.03
C ASN A 245 11.09 21.37 4.64
N THR A 246 11.30 21.11 3.32
CA THR A 246 11.73 19.76 2.88
C THR A 246 13.04 19.35 3.51
N ALA A 247 14.06 20.26 3.49
CA ALA A 247 15.37 20.02 4.07
C ALA A 247 15.25 19.63 5.53
N GLU A 248 14.31 20.26 6.26
CA GLU A 248 14.07 19.97 7.66
C GLU A 248 13.44 18.60 7.81
N MET A 249 12.44 18.27 6.99
CA MET A 249 11.77 16.97 7.02
C MET A 249 12.74 15.80 6.78
N TYR A 250 13.60 15.88 5.76
CA TYR A 250 14.59 14.85 5.49
C TYR A 250 15.59 14.75 6.62
N ASP A 251 15.94 15.88 7.23
CA ASP A 251 16.83 15.89 8.37
C ASP A 251 16.17 15.18 9.58
N ASN A 252 14.85 15.32 9.75
CA ASN A 252 14.16 14.66 10.84
C ASN A 252 14.21 13.16 10.58
N ILE A 253 13.69 12.69 9.41
CA ILE A 253 13.66 11.29 9.00
C ILE A 253 15.00 10.60 9.19
N LEU A 254 16.09 11.26 8.81
CA LEU A 254 17.40 10.63 8.86
C LEU A 254 18.21 10.84 10.15
N ASN A 255 18.08 12.00 10.83
CA ASN A 255 18.95 12.30 11.96
C ASN A 255 18.30 12.72 13.23
N LYS A 256 16.98 12.85 13.28
CA LYS A 256 16.32 13.31 14.50
C LYS A 256 15.49 12.22 15.15
N PRO A 257 15.56 12.11 16.49
CA PRO A 257 14.76 11.11 17.18
C PRO A 257 13.27 11.32 16.97
N LEU A 258 12.52 10.22 16.90
CA LEU A 258 11.09 10.23 16.66
C LEU A 258 10.34 10.90 17.79
N GLN A 259 9.44 11.83 17.43
CA GLN A 259 8.64 12.60 18.37
C GLN A 259 7.22 12.04 18.50
N LEU A 260 6.99 11.11 19.43
CA LEU A 260 5.64 10.58 19.62
C LEU A 260 4.91 11.48 20.61
N LYS A 261 3.82 12.12 20.17
CA LYS A 261 3.06 13.04 20.99
C LYS A 261 2.17 12.30 22.02
N PRO A 262 1.76 13.00 23.08
CA PRO A 262 1.13 12.31 24.21
C PRO A 262 -0.24 11.66 24.11
N ASN A 263 -1.00 11.78 22.99
CA ASN A 263 -2.37 11.28 23.08
C ASN A 263 -2.66 9.94 22.42
N ILE A 264 -1.73 8.99 22.54
CA ILE A 264 -1.96 7.64 22.04
C ILE A 264 -1.60 6.66 23.14
N THR A 265 -2.21 5.46 23.12
CA THR A 265 -1.96 4.44 24.15
C THR A 265 -0.49 4.02 24.20
N ASN A 266 -0.07 3.48 25.36
CA ASN A 266 1.28 2.96 25.51
C ASN A 266 1.54 1.80 24.50
N SER A 267 0.49 1.04 24.14
CA SER A 267 0.59 -0.05 23.16
C SER A 267 0.96 0.48 21.78
N ALA A 268 0.25 1.51 21.29
CA ALA A 268 0.49 2.12 19.99
C ALA A 268 1.86 2.77 19.96
N ARG A 269 2.25 3.40 21.07
CA ARG A 269 3.52 4.06 21.26
C ARG A 269 4.67 3.04 21.13
N HIS A 270 4.58 1.88 21.81
CA HIS A 270 5.60 0.84 21.71
C HIS A 270 5.71 0.34 20.27
N LEU A 271 4.57 0.08 19.60
CA LEU A 271 4.58 -0.37 18.22
C LEU A 271 5.24 0.67 17.28
N LEU A 272 4.84 1.95 17.34
CA LEU A 272 5.45 2.97 16.48
C LEU A 272 6.93 3.12 16.79
N GLU A 273 7.32 3.11 18.06
CA GLU A 273 8.73 3.19 18.46
C GLU A 273 9.58 2.10 17.77
N GLY A 274 9.03 0.88 17.71
CA GLY A 274 9.70 -0.29 17.13
C GLY A 274 9.66 -0.36 15.62
N LEU A 275 8.51 -0.05 15.03
CA LEU A 275 8.32 -0.06 13.58
C LEU A 275 9.11 1.08 12.90
N LEU A 276 9.19 2.22 13.55
CA LEU A 276 9.86 3.40 13.03
C LEU A 276 11.29 3.48 13.54
N GLN A 277 11.99 2.34 13.58
CA GLN A 277 13.37 2.30 14.04
C GLN A 277 14.31 2.64 12.87
N LYS A 278 15.16 3.66 13.02
CA LYS A 278 16.06 4.06 11.94
C LYS A 278 16.99 2.92 11.48
N ASP A 279 17.58 2.22 12.44
CA ASP A 279 18.45 1.08 12.17
C ASP A 279 17.62 -0.14 11.79
N ARG A 280 17.61 -0.54 10.51
CA ARG A 280 16.83 -1.71 10.05
C ARG A 280 17.13 -3.01 10.83
N THR A 281 18.34 -3.16 11.42
CA THR A 281 18.63 -4.38 12.20
C THR A 281 17.90 -4.40 13.55
N LYS A 282 17.53 -3.23 14.08
CA LYS A 282 16.81 -3.14 15.35
C LYS A 282 15.30 -2.99 15.20
N ARG A 283 14.80 -2.79 13.97
CA ARG A 283 13.40 -2.55 13.68
C ARG A 283 12.51 -3.77 13.86
N LEU A 284 11.23 -3.55 14.26
CA LEU A 284 10.24 -4.62 14.41
C LEU A 284 10.02 -5.25 13.06
N GLY A 285 10.21 -6.56 12.97
CA GLY A 285 10.10 -7.33 11.74
C GLY A 285 11.43 -7.85 11.22
N ALA A 286 12.56 -7.41 11.82
CA ALA A 286 13.88 -7.86 11.39
C ALA A 286 14.12 -9.33 11.70
N LYS A 287 13.74 -9.81 12.89
CA LYS A 287 13.98 -11.21 13.24
C LYS A 287 13.03 -12.19 12.51
N ASP A 288 11.69 -12.14 12.74
CA ASP A 288 10.79 -13.12 12.10
C ASP A 288 9.62 -12.48 11.35
N ASP A 289 9.89 -11.35 10.65
CA ASP A 289 8.95 -10.63 9.78
C ASP A 289 7.55 -10.43 10.43
N PHE A 290 6.45 -10.73 9.71
CA PHE A 290 5.05 -10.60 10.12
C PHE A 290 4.74 -11.15 11.52
N MET A 291 5.40 -12.24 11.93
CA MET A 291 5.21 -12.89 13.23
C MET A 291 5.39 -11.99 14.44
N GLU A 292 6.27 -11.00 14.34
CA GLU A 292 6.51 -10.09 15.45
C GLU A 292 5.39 -9.06 15.54
N ILE A 293 4.91 -8.57 14.37
CA ILE A 293 3.82 -7.61 14.26
C ILE A 293 2.54 -8.31 14.80
N LYS A 294 2.20 -9.48 14.21
CA LYS A 294 1.08 -10.37 14.51
C LYS A 294 0.88 -10.54 16.03
N SER A 295 1.99 -10.69 16.79
CA SER A 295 1.92 -10.95 18.23
C SER A 295 2.03 -9.72 19.13
N HIS A 296 2.34 -8.54 18.58
CA HIS A 296 2.50 -7.32 19.34
C HIS A 296 1.27 -6.95 20.18
N VAL A 297 1.49 -6.37 21.41
CA VAL A 297 0.41 -5.90 22.30
C VAL A 297 -0.74 -5.18 21.55
N PHE A 298 -0.41 -4.29 20.59
CA PHE A 298 -1.35 -3.48 19.84
C PHE A 298 -2.32 -4.31 19.02
N PHE A 299 -1.88 -5.48 18.52
CA PHE A 299 -2.76 -6.33 17.71
C PHE A 299 -3.43 -7.42 18.51
N SER A 300 -3.56 -7.23 19.84
CA SER A 300 -4.16 -8.21 20.76
C SER A 300 -5.56 -8.55 20.37
N LEU A 301 -6.33 -7.54 19.98
CA LEU A 301 -7.73 -7.70 19.64
C LEU A 301 -7.95 -8.31 18.27
N ILE A 302 -6.88 -8.58 17.50
CA ILE A 302 -7.03 -9.18 16.19
C ILE A 302 -6.96 -10.70 16.21
N ASN A 303 -8.03 -11.36 15.70
CA ASN A 303 -8.03 -12.78 15.42
C ASN A 303 -7.57 -12.76 13.98
N TRP A 304 -6.32 -13.17 13.73
CA TRP A 304 -5.76 -13.05 12.41
C TRP A 304 -6.48 -13.90 11.37
N ASP A 305 -7.06 -15.03 11.78
CA ASP A 305 -7.81 -15.88 10.86
C ASP A 305 -9.09 -15.18 10.37
N ASP A 306 -9.90 -14.65 11.30
CA ASP A 306 -11.11 -13.94 10.91
C ASP A 306 -10.80 -12.71 10.04
N LEU A 307 -9.67 -12.05 10.32
CA LEU A 307 -9.22 -10.87 9.57
C LEU A 307 -9.06 -11.24 8.07
N ILE A 308 -8.28 -12.27 7.73
CA ILE A 308 -8.05 -12.65 6.33
C ILE A 308 -9.32 -13.22 5.67
N ASN A 309 -10.15 -13.91 6.45
CA ASN A 309 -11.40 -14.44 5.93
C ASN A 309 -12.54 -13.42 5.90
N LYS A 310 -12.22 -12.13 6.01
CA LYS A 310 -13.14 -11.00 6.01
C LYS A 310 -14.37 -11.22 6.91
N LYS A 311 -14.15 -11.90 8.04
CA LYS A 311 -15.21 -12.15 9.02
C LYS A 311 -15.33 -11.04 10.07
N ILE A 312 -14.42 -10.05 10.02
CA ILE A 312 -14.42 -8.89 10.91
C ILE A 312 -15.05 -7.74 10.12
N THR A 313 -16.09 -7.13 10.69
CA THR A 313 -16.79 -6.03 10.05
C THR A 313 -15.90 -4.80 10.01
N PRO A 314 -15.75 -4.18 8.84
CA PRO A 314 -14.94 -2.96 8.76
C PRO A 314 -15.51 -1.85 9.62
N PRO A 315 -14.65 -1.03 10.25
CA PRO A 315 -15.15 0.05 11.13
C PRO A 315 -15.86 1.20 10.41
N PHE A 316 -15.86 1.19 9.07
CA PHE A 316 -16.49 2.21 8.28
C PHE A 316 -16.87 1.64 6.91
N ASN A 317 -18.09 1.95 6.41
CA ASN A 317 -18.48 1.54 5.07
C ASN A 317 -18.53 2.79 4.20
N PRO A 318 -17.74 2.81 3.10
CA PRO A 318 -17.80 3.97 2.20
C PRO A 318 -19.09 3.99 1.37
N ASN A 319 -19.85 5.11 1.43
CA ASN A 319 -21.11 5.28 0.71
C ASN A 319 -20.92 5.26 -0.81
N VAL A 320 -21.20 4.11 -1.45
CA VAL A 320 -21.05 3.95 -2.90
C VAL A 320 -22.35 3.42 -3.56
C1 GOL B . -9.22 -6.94 -4.06
O1 GOL B . -9.36 -6.82 -5.45
C2 GOL B . -9.92 -8.21 -3.60
O2 GOL B . -10.73 -7.91 -2.48
C3 GOL B . -8.91 -9.29 -3.19
O3 GOL B . -7.80 -9.34 -4.06
C1 GOL C . 14.26 -6.92 15.70
O1 GOL C . 13.16 -7.74 15.44
C2 GOL C . 14.53 -6.88 17.20
O2 GOL C . 13.54 -6.08 17.83
C3 GOL C . 15.92 -6.30 17.47
O3 GOL C . 16.93 -7.04 16.80
C4 86H D . -6.03 2.07 -8.79
C5 86H D . -7.14 1.24 -8.86
C6 86H D . -6.95 -0.10 -9.12
C1 86H D . -4.79 1.54 -9.16
C2 86H D . -4.66 0.20 -9.53
C35 86H D . -3.69 6.33 -8.46
C34 86H D . -3.04 6.66 -7.12
N33 86H D . -4.19 6.97 -6.24
C32 86H D . -5.17 5.93 -6.56
C31 86H D . -5.05 5.72 -8.08
N30 86H D . -5.08 4.28 -8.40
C10 86H D . -6.21 3.58 -8.48
O11 86H D . -7.33 4.08 -8.40
C9 86H D . -8.42 1.38 -8.58
N8 86H D . -9.00 0.20 -8.74
N7 86H D . -8.16 -0.66 -9.02
N3 86H D . -5.74 -0.60 -9.42
C12 86H D . -3.39 -0.38 -9.70
C17 86H D . -3.24 -1.77 -9.82
C16 86H D . -1.98 -2.36 -9.96
C13 86H D . -2.26 0.38 -9.52
C14 86H D . -1.02 -0.21 -9.56
C15 86H D . -0.87 -1.58 -9.72
N18 86H D . 0.37 -2.03 -9.56
S19 86H D . 1.05 -3.52 -9.57
O20 86H D . 2.47 -3.52 -10.10
O21 86H D . 1.28 -3.70 -8.12
C22 86H D . 0.16 -4.97 -9.90
C27 86H D . -0.58 -5.63 -8.92
C26 86H D . -1.25 -6.82 -9.23
C25 86H D . -1.17 -7.35 -10.52
C24 86H D . -0.44 -6.69 -11.51
CL1 86H D . -0.29 -7.25 -13.15
C23 86H D . 0.20 -5.49 -11.22
CL2 86H D . 1.11 -4.80 -12.53
#